data_6PJX
#
_entry.id   6PJX
#
_cell.length_a   69.875
_cell.length_b   83.061
_cell.length_c   137.521
_cell.angle_alpha   90.00
_cell.angle_beta   90.00
_cell.angle_gamma   90.00
#
_symmetry.space_group_name_H-M   'P 21 21 21'
#
loop_
_entity.id
_entity.type
_entity.pdbx_description
1 polymer 'G protein-coupled receptor kinase 5'
2 polymer Calmodulin
3 non-polymer SANGIVAMYCIN
4 non-polymer 'CALCIUM ION'
5 water water
#
loop_
_entity_poly.entity_id
_entity_poly.type
_entity_poly.pdbx_seq_one_letter_code
_entity_poly.pdbx_strand_id
1 'polypeptide(L)'
;(ACE)MELENIVANTVLLKAREGGGGKRKGKSKKWKEILKFPHISQCEDLRRTIDRDYCSLCDKQPIGRLLFRQFCETRP
GLECYIQFLDSVAEYEVTPDEKLGEKGKKIMTKYLTPKSPVFIAQVGQDLVSQTEEKLLQKPCKELFSACAQSVHEYLRG
EPFHEYLDSMFFDRFLQWKWLERQPVTKNTFRQYRVLGKGGFGEVCACQVRATGKMYACKRLEKKRIKKRKGESMALNEK
QILEKVNSQFVVNLAYAYETKDALCLVLTIMNGGDLKFHIYNMGNPGFEEERALFYAAEILCGLEDLHHENTVYRDLKPE
NILLDDYGHIRISDLGLAVKIPEGDLIRGRVGTVGYMAPEVLNNQRYGLSPDYWGLGCLIYEMIEGQSPFRGRKEKVKRE
EVDRRVLETEEVYSHKFSEEAKSICKMLLTKDAKQRLGCQEEEAAEVKRHPFFRNMNFKRLEAGMLDPPFVPDPRAVYCK
DVLDIEQFSTVKGVNLDHTDDDFYSKFSTGSVSIPWQNEMIETECFKELNVFGPNGTLPPDLNRNHPPEPPKKGLLQRLF
KRQHQNNSKSSPSSKTSFNHHINSNHVSSNSTGSS
;
A
2 'polypeptide(L)'
;ADQLTEEQIAEFKEAFSLFDKDGDGTITTKELGTVMRSLGQNPTEAELQDMINEVDADGNGTIDFPEFLTMMARKMKDTD
SEEEIREAFRVFDKDGNGYISAAELRHVMTNLGEKLTDEEVDEMIREADIDGDGQVNYEEFVQMMTAK
;
B
#
# COMPACT_ATOMS: atom_id res chain seq x y z
N MET A 2 -12.58 -28.54 2.28
CA MET A 2 -11.62 -29.61 2.36
C MET A 2 -10.26 -28.98 2.61
N GLU A 3 -9.42 -29.67 3.37
CA GLU A 3 -8.14 -29.14 3.78
C GLU A 3 -7.28 -28.74 2.57
N LEU A 4 -7.43 -29.46 1.46
CA LEU A 4 -6.63 -29.12 0.29
C LEU A 4 -6.86 -27.68 -0.15
N GLU A 5 -8.06 -27.13 0.07
CA GLU A 5 -8.37 -25.75 -0.32
C GLU A 5 -7.40 -24.73 0.27
N ASN A 6 -6.91 -24.98 1.49
CA ASN A 6 -5.94 -24.06 2.08
C ASN A 6 -4.63 -24.05 1.28
N ILE A 7 -4.23 -25.23 0.81
CA ILE A 7 -3.00 -25.38 0.03
C ILE A 7 -3.21 -24.77 -1.35
N VAL A 8 -4.35 -25.03 -1.98
CA VAL A 8 -4.57 -24.46 -3.30
C VAL A 8 -4.55 -22.93 -3.21
N ALA A 9 -5.24 -22.37 -2.23
CA ALA A 9 -5.33 -20.91 -2.13
C ALA A 9 -3.95 -20.28 -1.99
N ASN A 10 -3.09 -20.85 -1.12
CA ASN A 10 -1.76 -20.24 -0.96
C ASN A 10 -0.84 -20.51 -2.16
N THR A 11 -0.89 -21.72 -2.74
CA THR A 11 -0.09 -22.01 -3.92
C THR A 11 -0.44 -21.08 -5.08
N VAL A 12 -1.73 -20.82 -5.29
CA VAL A 12 -2.17 -19.96 -6.36
C VAL A 12 -1.74 -18.50 -6.10
N LEU A 13 -1.90 -18.05 -4.84
CA LEU A 13 -1.51 -16.67 -4.52
C LEU A 13 -0.01 -16.48 -4.72
N LEU A 14 0.81 -17.43 -4.28
CA LEU A 14 2.25 -17.30 -4.42
C LEU A 14 2.67 -17.35 -5.88
N LYS A 15 1.96 -18.15 -6.70
CA LYS A 15 2.24 -18.16 -8.14
C LYS A 15 1.99 -16.79 -8.76
N ALA A 16 0.86 -16.15 -8.38
CA ALA A 16 0.59 -14.79 -8.86
C ALA A 16 1.63 -13.80 -8.36
N ARG A 17 1.99 -13.88 -7.08
CA ARG A 17 2.91 -12.92 -6.49
C ARG A 17 4.31 -13.04 -7.10
N GLU A 18 4.71 -14.23 -7.55
CA GLU A 18 6.02 -14.44 -8.17
C GLU A 18 6.08 -13.98 -9.63
N GLY A 19 5.42 -12.88 -9.96
CA GLY A 19 5.38 -12.44 -11.35
C GLY A 19 4.47 -13.28 -12.22
N GLY A 20 3.33 -13.69 -11.68
CA GLY A 20 2.33 -14.41 -12.47
C GLY A 20 2.79 -15.80 -12.88
N GLY A 21 2.40 -16.20 -14.10
CA GLY A 21 2.86 -17.48 -14.62
C GLY A 21 4.36 -17.54 -14.82
N GLY A 22 5.00 -16.37 -14.95
CA GLY A 22 6.44 -16.29 -15.08
C GLY A 22 6.84 -15.26 -16.10
N LYS A 23 6.45 -15.49 -17.35
CA LYS A 23 6.77 -14.53 -18.40
C LYS A 23 5.60 -13.57 -18.60
N ARG A 24 5.83 -12.61 -19.48
CA ARG A 24 5.07 -11.36 -19.46
C ARG A 24 5.02 -10.80 -18.04
N LYS A 25 5.96 -11.15 -17.16
CA LYS A 25 5.93 -10.70 -15.77
C LYS A 25 4.60 -11.01 -15.09
N GLY A 26 3.82 -11.94 -15.66
CA GLY A 26 2.45 -12.16 -15.21
C GLY A 26 1.41 -11.28 -15.88
N LYS A 27 1.78 -10.45 -16.85
CA LYS A 27 0.76 -9.73 -17.60
C LYS A 27 -0.09 -10.70 -18.41
N SER A 28 -1.34 -10.31 -18.64
CA SER A 28 -2.22 -11.06 -19.53
C SER A 28 -1.57 -11.20 -20.91
N LYS A 29 -1.90 -12.29 -21.58
CA LYS A 29 -1.36 -12.49 -22.93
C LYS A 29 -1.85 -11.41 -23.87
N LYS A 30 -3.01 -10.81 -23.61
CA LYS A 30 -3.53 -9.75 -24.46
C LYS A 30 -3.31 -8.36 -23.86
N TRP A 31 -2.31 -8.19 -22.99
CA TRP A 31 -2.14 -6.92 -22.28
C TRP A 31 -1.89 -5.74 -23.22
N LYS A 32 -1.22 -5.97 -24.37
CA LYS A 32 -0.99 -4.84 -25.27
C LYS A 32 -2.24 -4.44 -26.02
N GLU A 33 -3.19 -5.35 -26.17
CA GLU A 33 -4.49 -4.97 -26.69
C GLU A 33 -5.30 -4.21 -25.63
N ILE A 34 -5.28 -4.66 -24.38
CA ILE A 34 -6.00 -3.96 -23.32
C ILE A 34 -5.50 -2.52 -23.16
N LEU A 35 -4.18 -2.31 -23.22
CA LEU A 35 -3.59 -0.99 -23.05
C LEU A 35 -3.16 -0.36 -24.38
N LYS A 36 -3.78 -0.74 -25.49
CA LYS A 36 -3.45 -0.16 -26.78
C LYS A 36 -3.72 1.33 -26.78
N PHE A 37 -2.75 2.12 -27.25
CA PHE A 37 -2.94 3.56 -27.31
C PHE A 37 -4.12 3.91 -28.20
N PRO A 38 -4.86 4.96 -27.89
CA PRO A 38 -5.79 5.49 -28.88
C PRO A 38 -4.98 6.17 -29.98
N HIS A 39 -5.57 6.28 -31.16
CA HIS A 39 -5.00 7.19 -32.14
C HIS A 39 -5.05 8.63 -31.61
N ILE A 40 -4.01 9.41 -31.93
CA ILE A 40 -3.89 10.74 -31.33
C ILE A 40 -5.13 11.59 -31.60
N SER A 41 -5.81 11.36 -32.73
CA SER A 41 -7.03 12.11 -33.05
C SER A 41 -8.15 11.83 -32.05
N GLN A 42 -8.09 10.73 -31.31
CA GLN A 42 -9.09 10.49 -30.27
C GLN A 42 -8.84 11.30 -29.01
N CYS A 43 -7.73 12.04 -28.91
CA CYS A 43 -7.34 12.75 -27.70
C CYS A 43 -7.64 14.24 -27.77
N GLU A 44 -8.37 14.69 -28.79
CA GLU A 44 -8.60 16.12 -28.99
C GLU A 44 -9.20 16.77 -27.76
N ASP A 45 -10.27 16.19 -27.22
CA ASP A 45 -10.91 16.77 -26.05
C ASP A 45 -9.93 16.90 -24.89
N LEU A 46 -9.12 15.85 -24.67
CA LEU A 46 -8.08 15.94 -23.65
C LEU A 46 -7.15 17.11 -23.94
N ARG A 47 -6.67 17.20 -25.18
CA ARG A 47 -5.82 18.31 -25.58
C ARG A 47 -6.48 19.64 -25.25
N ARG A 48 -7.81 19.72 -25.43
CA ARG A 48 -8.48 20.98 -25.16
C ARG A 48 -8.64 21.23 -23.68
N THR A 49 -8.87 20.17 -22.90
CA THR A 49 -9.27 20.41 -21.51
C THR A 49 -8.11 20.34 -20.53
N ILE A 50 -7.06 19.59 -20.85
CA ILE A 50 -5.93 19.45 -19.93
C ILE A 50 -5.33 20.82 -19.60
N ASP A 51 -5.07 21.04 -18.32
CA ASP A 51 -4.46 22.28 -17.87
C ASP A 51 -2.94 22.21 -18.07
N ARG A 52 -2.41 23.17 -18.82
CA ARG A 52 -0.99 23.10 -19.20
C ARG A 52 -0.13 23.68 -18.09
N ASP A 53 0.04 22.91 -17.02
CA ASP A 53 0.79 23.33 -15.85
C ASP A 53 2.08 22.53 -15.76
N TYR A 54 3.22 23.22 -15.89
CA TYR A 54 4.51 22.55 -15.93
C TYR A 54 4.68 21.62 -14.74
N CYS A 55 4.35 22.10 -13.55
CA CYS A 55 4.72 21.36 -12.35
C CYS A 55 3.97 20.02 -12.33
N SER A 56 2.72 20.01 -12.78
CA SER A 56 1.96 18.77 -12.85
C SER A 56 2.37 17.92 -14.05
N LEU A 57 2.43 18.53 -15.23
CA LEU A 57 2.66 17.73 -16.45
C LEU A 57 4.05 17.13 -16.52
N CYS A 58 5.06 17.81 -15.97
CA CYS A 58 6.44 17.39 -16.19
C CYS A 58 7.16 16.99 -14.90
N ASP A 59 6.48 16.96 -13.77
CA ASP A 59 7.17 16.57 -12.56
C ASP A 59 6.31 15.67 -11.66
N LYS A 60 5.15 16.15 -11.19
CA LYS A 60 4.40 15.36 -10.22
C LYS A 60 3.69 14.16 -10.85
N GLN A 61 3.32 14.23 -12.12
CA GLN A 61 2.75 13.06 -12.78
C GLN A 61 3.89 12.19 -13.33
N PRO A 62 4.10 10.98 -12.81
CA PRO A 62 5.33 10.23 -13.15
C PRO A 62 5.53 9.97 -14.64
N ILE A 63 4.47 9.63 -15.37
CA ILE A 63 4.63 9.38 -16.81
C ILE A 63 4.91 10.68 -17.55
N GLY A 64 4.22 11.77 -17.16
CA GLY A 64 4.51 13.05 -17.78
C GLY A 64 5.94 13.50 -17.53
N ARG A 65 6.45 13.23 -16.33
CA ARG A 65 7.86 13.54 -16.04
C ARG A 65 8.80 12.73 -16.93
N LEU A 66 8.54 11.42 -17.08
CA LEU A 66 9.40 10.62 -17.93
C LEU A 66 9.35 11.09 -19.39
N LEU A 67 8.16 11.50 -19.86
CA LEU A 67 8.05 11.94 -21.25
C LEU A 67 8.71 13.30 -21.47
N PHE A 68 8.59 14.21 -20.51
CA PHE A 68 9.29 15.48 -20.61
C PHE A 68 10.80 15.26 -20.61
N ARG A 69 11.28 14.34 -19.78
CA ARG A 69 12.71 14.05 -19.77
C ARG A 69 13.15 13.42 -21.09
N GLN A 70 12.34 12.54 -21.69
CA GLN A 70 12.69 12.00 -23.01
C GLN A 70 12.82 13.12 -24.04
N PHE A 71 11.83 14.02 -24.07
CA PHE A 71 11.93 15.19 -24.93
C PHE A 71 13.22 15.97 -24.67
N CYS A 72 13.52 16.27 -23.40
CA CYS A 72 14.72 17.04 -23.08
C CYS A 72 15.98 16.33 -23.56
N GLU A 73 15.99 15.01 -23.48
CA GLU A 73 17.16 14.25 -23.87
C GLU A 73 17.33 14.22 -25.38
N THR A 74 16.31 14.62 -26.15
CA THR A 74 16.57 14.88 -27.56
C THR A 74 17.21 16.25 -27.83
N ARG A 75 17.44 17.09 -26.82
CA ARG A 75 18.03 18.42 -27.04
C ARG A 75 19.32 18.57 -26.24
N PRO A 76 20.48 18.73 -26.87
CA PRO A 76 21.74 18.81 -26.10
C PRO A 76 21.73 19.89 -25.02
N GLY A 77 21.12 21.04 -25.29
CA GLY A 77 21.09 22.10 -24.30
C GLY A 77 20.16 21.87 -23.12
N LEU A 78 19.29 20.87 -23.16
CA LEU A 78 18.39 20.59 -22.04
C LEU A 78 18.82 19.39 -21.21
N GLU A 79 19.50 18.43 -21.86
CA GLU A 79 19.90 17.23 -21.15
C GLU A 79 20.85 17.55 -20.01
N CYS A 80 21.62 18.64 -20.13
CA CYS A 80 22.45 19.06 -18.99
C CYS A 80 21.59 19.38 -17.76
N TYR A 81 20.45 20.04 -17.96
CA TYR A 81 19.59 20.37 -16.83
C TYR A 81 18.99 19.11 -16.21
N ILE A 82 18.65 18.12 -17.05
CA ILE A 82 18.18 16.84 -16.50
C ILE A 82 19.26 16.17 -15.65
N GLN A 83 20.47 16.11 -16.19
CA GLN A 83 21.62 15.56 -15.45
C GLN A 83 21.76 16.24 -14.10
N PHE A 84 21.66 17.57 -14.09
CA PHE A 84 21.82 18.30 -12.83
C PHE A 84 20.75 17.92 -11.83
N LEU A 85 19.49 17.82 -12.27
CA LEU A 85 18.44 17.41 -11.34
C LEU A 85 18.68 16.00 -10.79
N ASP A 86 19.20 15.09 -11.63
CA ASP A 86 19.50 13.75 -11.13
C ASP A 86 20.62 13.79 -10.08
N SER A 87 21.63 14.63 -10.30
CA SER A 87 22.70 14.72 -9.32
C SER A 87 22.21 15.36 -8.02
N VAL A 88 21.30 16.33 -8.11
CA VAL A 88 20.71 16.89 -6.91
C VAL A 88 19.94 15.83 -6.13
N ALA A 89 19.19 14.98 -6.85
CA ALA A 89 18.47 13.90 -6.18
C ALA A 89 19.43 12.96 -5.47
N GLU A 90 20.52 12.57 -6.15
CA GLU A 90 21.54 11.77 -5.50
C GLU A 90 22.09 12.46 -4.25
N TYR A 91 22.34 13.77 -4.35
CA TYR A 91 22.87 14.53 -3.22
C TYR A 91 21.91 14.51 -2.04
N GLU A 92 20.60 14.54 -2.31
CA GLU A 92 19.63 14.60 -1.23
C GLU A 92 19.60 13.31 -0.41
N VAL A 93 20.05 12.19 -0.99
CA VAL A 93 20.04 10.92 -0.29
C VAL A 93 21.46 10.48 -0.01
N THR A 94 22.37 11.44 0.14
CA THR A 94 23.76 11.09 0.41
C THR A 94 24.11 11.31 1.88
N PRO A 95 24.79 10.36 2.52
CA PRO A 95 25.06 10.49 3.97
C PRO A 95 25.85 11.75 4.29
N ASP A 96 25.65 12.24 5.52
CA ASP A 96 26.02 13.61 5.86
C ASP A 96 27.52 13.88 5.78
N GLU A 97 28.37 12.85 5.91
CA GLU A 97 29.81 13.09 5.90
C GLU A 97 30.41 13.02 4.51
N LYS A 98 29.70 12.47 3.53
CA LYS A 98 30.07 12.59 2.12
C LYS A 98 29.30 13.71 1.42
N LEU A 99 28.40 14.38 2.15
CA LEU A 99 27.64 15.49 1.61
C LEU A 99 28.56 16.56 1.04
N GLY A 100 29.56 16.96 1.83
CA GLY A 100 30.45 18.02 1.39
C GLY A 100 31.13 17.71 0.07
N GLU A 101 31.64 16.49 -0.08
CA GLU A 101 32.41 16.18 -1.28
C GLU A 101 31.50 15.96 -2.48
N LYS A 102 30.33 15.37 -2.31
CA LYS A 102 29.44 15.24 -3.47
C LYS A 102 28.88 16.60 -3.87
N GLY A 103 28.69 17.48 -2.89
CA GLY A 103 28.32 18.84 -3.23
C GLY A 103 29.42 19.55 -4.01
N LYS A 104 30.67 19.34 -3.60
CA LYS A 104 31.79 19.92 -4.34
C LYS A 104 31.80 19.39 -5.77
N LYS A 105 31.55 18.10 -5.95
CA LYS A 105 31.58 17.55 -7.30
C LYS A 105 30.43 18.11 -8.14
N ILE A 106 29.25 18.28 -7.54
CA ILE A 106 28.14 18.91 -8.24
C ILE A 106 28.53 20.32 -8.68
N MET A 107 29.11 21.09 -7.75
CA MET A 107 29.53 22.45 -8.06
C MET A 107 30.47 22.48 -9.27
N THR A 108 31.54 21.68 -9.23
CA THR A 108 32.52 21.77 -10.32
C THR A 108 32.00 21.12 -11.60
N LYS A 109 31.03 20.22 -11.50
CA LYS A 109 30.52 19.59 -12.71
C LYS A 109 29.51 20.48 -13.42
N TYR A 110 28.75 21.28 -12.69
CA TYR A 110 27.59 21.96 -13.27
C TYR A 110 27.61 23.48 -13.18
N LEU A 111 28.24 24.06 -12.16
CA LEU A 111 27.95 25.44 -11.78
C LEU A 111 29.11 26.41 -11.93
N THR A 112 30.26 25.98 -12.45
CA THR A 112 31.33 26.91 -12.82
C THR A 112 31.27 27.22 -14.31
N PRO A 113 31.58 28.46 -14.74
CA PRO A 113 31.41 28.81 -16.17
C PRO A 113 32.12 27.89 -17.17
N LYS A 114 33.21 27.23 -16.76
CA LYS A 114 33.90 26.21 -17.55
C LYS A 114 33.67 24.81 -16.99
N SER A 115 32.51 24.56 -16.40
CA SER A 115 32.32 23.17 -15.99
C SER A 115 31.90 22.35 -17.22
N PRO A 116 32.18 21.04 -17.23
CA PRO A 116 31.90 20.26 -18.46
C PRO A 116 30.45 20.23 -18.85
N VAL A 117 29.53 20.35 -17.89
CA VAL A 117 28.12 20.34 -18.21
C VAL A 117 27.50 21.57 -17.54
N PHE A 118 28.08 22.73 -17.85
CA PHE A 118 27.64 24.01 -17.29
C PHE A 118 26.18 24.25 -17.60
N ILE A 119 25.43 24.66 -16.57
CA ILE A 119 24.02 25.02 -16.71
C ILE A 119 23.94 26.52 -16.47
N ALA A 120 23.86 27.30 -17.54
CA ALA A 120 23.98 28.75 -17.46
C ALA A 120 22.76 29.41 -16.85
N GLN A 121 21.58 28.75 -16.87
CA GLN A 121 20.34 29.39 -16.45
C GLN A 121 20.14 29.45 -14.95
N VAL A 122 21.08 28.97 -14.15
CA VAL A 122 21.05 29.18 -12.70
C VAL A 122 21.91 30.39 -12.40
N GLY A 123 21.34 31.36 -11.68
CA GLY A 123 22.00 32.63 -11.46
C GLY A 123 23.37 32.52 -10.84
N GLN A 124 24.36 33.21 -11.45
CA GLN A 124 25.71 33.22 -10.92
C GLN A 124 25.74 33.67 -9.45
N ASP A 125 24.86 34.61 -9.09
CA ASP A 125 24.79 35.06 -7.70
C ASP A 125 24.25 33.96 -6.80
N LEU A 126 23.20 33.26 -7.25
CA LEU A 126 22.71 32.12 -6.49
C LEU A 126 23.74 31.00 -6.40
N VAL A 127 24.56 30.84 -7.45
CA VAL A 127 25.66 29.89 -7.40
C VAL A 127 26.64 30.28 -6.30
N SER A 128 26.99 31.57 -6.22
CA SER A 128 27.93 32.01 -5.20
C SER A 128 27.37 31.81 -3.80
N GLN A 129 26.07 32.08 -3.62
CA GLN A 129 25.44 31.80 -2.33
C GLN A 129 25.52 30.32 -1.98
N THR A 130 25.23 29.46 -2.96
CA THR A 130 25.35 28.02 -2.77
C THR A 130 26.78 27.60 -2.43
N GLU A 131 27.76 28.18 -3.12
CA GLU A 131 29.17 27.95 -2.82
C GLU A 131 29.47 28.29 -1.36
N GLU A 132 29.01 29.44 -0.90
CA GLU A 132 29.35 29.90 0.45
C GLU A 132 28.73 28.99 1.50
N LYS A 133 27.46 28.61 1.32
CA LYS A 133 26.85 27.74 2.32
C LYS A 133 27.30 26.28 2.19
N LEU A 134 27.91 25.92 1.06
CA LEU A 134 28.59 24.63 0.96
C LEU A 134 29.77 24.58 1.93
N LEU A 135 30.57 25.65 1.95
CA LEU A 135 31.82 25.69 2.71
C LEU A 135 31.60 25.77 4.22
N GLN A 136 30.36 25.89 4.69
CA GLN A 136 30.06 26.00 6.12
C GLN A 136 28.84 25.12 6.44
N LYS A 137 29.10 23.87 6.81
CA LYS A 137 28.09 22.87 7.18
C LYS A 137 27.03 22.70 6.10
N PRO A 138 27.32 21.94 5.05
CA PRO A 138 26.31 21.70 4.01
C PRO A 138 25.28 20.70 4.48
N CYS A 139 24.04 20.91 4.04
CA CYS A 139 22.94 20.06 4.46
C CYS A 139 22.19 19.56 3.23
N LYS A 140 21.25 18.62 3.48
CA LYS A 140 20.61 17.89 2.39
C LYS A 140 19.90 18.82 1.43
N GLU A 141 19.27 19.88 1.95
CA GLU A 141 18.52 20.80 1.11
C GLU A 141 19.39 21.93 0.55
N LEU A 142 20.68 21.66 0.31
CA LEU A 142 21.59 22.68 -0.17
C LEU A 142 21.13 23.25 -1.53
N PHE A 143 20.89 22.37 -2.50
CA PHE A 143 20.71 22.78 -3.90
C PHE A 143 19.27 23.07 -4.28
N SER A 144 18.35 23.09 -3.31
CA SER A 144 16.94 23.32 -3.62
C SER A 144 16.76 24.56 -4.46
N ALA A 145 17.31 25.69 -3.99
CA ALA A 145 17.20 26.93 -4.75
C ALA A 145 17.70 26.74 -6.18
N CYS A 146 18.87 26.11 -6.34
CA CYS A 146 19.36 25.81 -7.68
C CYS A 146 18.33 24.99 -8.45
N ALA A 147 17.87 23.88 -7.86
CA ALA A 147 16.86 23.08 -8.52
C ALA A 147 15.66 23.93 -8.89
N GLN A 148 15.26 24.83 -7.98
CA GLN A 148 14.14 25.71 -8.26
C GLN A 148 14.40 26.53 -9.51
N SER A 149 15.57 27.16 -9.58
CA SER A 149 15.88 27.96 -10.75
C SER A 149 15.89 27.11 -11.99
N VAL A 150 16.34 25.86 -11.88
CA VAL A 150 16.34 24.98 -13.04
C VAL A 150 14.92 24.75 -13.53
N HIS A 151 14.01 24.40 -12.61
CA HIS A 151 12.64 24.22 -13.03
C HIS A 151 12.06 25.54 -13.55
N GLU A 152 12.56 26.67 -13.05
CA GLU A 152 12.01 27.93 -13.53
C GLU A 152 12.45 28.20 -14.95
N TYR A 153 13.64 27.71 -15.34
CA TYR A 153 13.99 27.80 -16.75
C TYR A 153 13.15 26.82 -17.56
N LEU A 154 12.93 25.62 -17.02
CA LEU A 154 12.32 24.58 -17.84
C LEU A 154 10.83 24.87 -18.09
N ARG A 155 10.17 25.56 -17.15
CA ARG A 155 8.74 25.80 -17.28
C ARG A 155 8.42 26.81 -18.39
N GLY A 156 9.41 27.50 -18.92
CA GLY A 156 9.19 28.45 -20.00
C GLY A 156 9.33 27.87 -21.39
N GLU A 157 10.38 28.24 -22.12
CA GLU A 157 10.52 27.81 -23.51
C GLU A 157 10.65 26.29 -23.68
N PRO A 158 11.42 25.57 -22.87
CA PRO A 158 11.42 24.09 -23.03
C PRO A 158 10.05 23.48 -22.86
N PHE A 159 9.29 23.90 -21.83
CA PHE A 159 7.93 23.39 -21.62
C PHE A 159 7.06 23.65 -22.84
N HIS A 160 7.14 24.85 -23.39
CA HIS A 160 6.27 25.18 -24.50
C HIS A 160 6.66 24.44 -25.77
N GLU A 161 7.95 24.17 -25.97
CA GLU A 161 8.32 23.29 -27.08
C GLU A 161 7.86 21.85 -26.82
N TYR A 162 7.96 21.37 -25.57
CA TYR A 162 7.49 20.01 -25.25
C TYR A 162 6.02 19.86 -25.56
N LEU A 163 5.21 20.87 -25.23
CA LEU A 163 3.77 20.81 -25.50
C LEU A 163 3.47 20.64 -26.99
N ASP A 164 4.35 21.11 -27.86
CA ASP A 164 4.12 20.96 -29.29
C ASP A 164 4.76 19.71 -29.85
N SER A 165 5.36 18.86 -29.02
CA SER A 165 6.14 17.73 -29.47
C SER A 165 5.34 16.44 -29.45
N MET A 166 5.89 15.42 -30.11
CA MET A 166 5.28 14.09 -30.08
C MET A 166 5.23 13.52 -28.68
N PHE A 167 6.10 13.99 -27.77
CA PHE A 167 6.14 13.40 -26.44
C PHE A 167 4.95 13.84 -25.61
N PHE A 168 4.43 15.05 -25.87
CA PHE A 168 3.18 15.45 -25.22
C PHE A 168 1.97 14.75 -25.82
N ASP A 169 1.95 14.56 -27.14
CA ASP A 169 0.89 13.73 -27.74
C ASP A 169 0.88 12.35 -27.09
N ARG A 170 2.06 11.75 -26.91
CA ARG A 170 2.14 10.45 -26.28
C ARG A 170 1.66 10.52 -24.83
N PHE A 171 1.95 11.63 -24.13
CA PHE A 171 1.42 11.79 -22.78
C PHE A 171 -0.10 11.79 -22.79
N LEU A 172 -0.71 12.49 -23.75
CA LEU A 172 -2.17 12.51 -23.84
C LEU A 172 -2.72 11.10 -24.06
N GLN A 173 -2.01 10.28 -24.84
CA GLN A 173 -2.44 8.89 -25.03
C GLN A 173 -2.42 8.12 -23.71
N TRP A 174 -1.36 8.29 -22.91
CA TRP A 174 -1.31 7.62 -21.62
C TRP A 174 -2.42 8.11 -20.70
N LYS A 175 -2.75 9.40 -20.78
CA LYS A 175 -3.82 9.98 -19.97
C LYS A 175 -5.19 9.45 -20.39
N TRP A 176 -5.41 9.27 -21.69
CA TRP A 176 -6.58 8.55 -22.20
C TRP A 176 -6.68 7.16 -21.57
N LEU A 177 -5.59 6.39 -21.62
CA LEU A 177 -5.60 5.06 -20.98
C LEU A 177 -5.96 5.17 -19.50
N GLU A 178 -5.35 6.15 -18.82
CA GLU A 178 -5.55 6.32 -17.38
C GLU A 178 -7.02 6.50 -17.03
N ARG A 179 -7.79 7.17 -17.90
CA ARG A 179 -9.18 7.45 -17.61
C ARG A 179 -10.15 6.40 -18.13
N GLN A 180 -9.67 5.30 -18.68
CA GLN A 180 -10.59 4.27 -19.17
C GLN A 180 -11.37 3.69 -18.00
N PRO A 181 -12.57 3.14 -18.26
CA PRO A 181 -13.37 2.56 -17.17
C PRO A 181 -12.63 1.46 -16.42
N VAL A 182 -12.78 1.48 -15.09
CA VAL A 182 -12.30 0.44 -14.19
C VAL A 182 -13.48 -0.45 -13.82
N THR A 183 -13.39 -1.73 -14.14
CA THR A 183 -14.49 -2.66 -13.93
C THR A 183 -13.98 -3.93 -13.25
N LYS A 184 -14.91 -4.83 -12.98
CA LYS A 184 -14.58 -6.17 -12.51
C LYS A 184 -13.53 -6.83 -13.42
N ASN A 185 -13.63 -6.63 -14.73
CA ASN A 185 -12.71 -7.30 -15.66
C ASN A 185 -11.31 -6.70 -15.68
N THR A 186 -11.11 -5.53 -15.08
CA THR A 186 -9.75 -4.98 -14.91
C THR A 186 -8.88 -5.89 -14.06
N PHE A 187 -9.49 -6.62 -13.14
CA PHE A 187 -8.77 -7.34 -12.10
C PHE A 187 -9.11 -8.81 -12.12
N ARG A 188 -8.23 -9.59 -11.51
CA ARG A 188 -8.49 -10.95 -11.13
C ARG A 188 -8.35 -11.09 -9.62
N GLN A 189 -9.29 -11.80 -8.99
CA GLN A 189 -9.37 -11.93 -7.54
C GLN A 189 -8.71 -13.24 -7.10
N TYR A 190 -7.88 -13.15 -6.05
CA TYR A 190 -7.26 -14.30 -5.43
C TYR A 190 -7.85 -14.47 -4.03
N ARG A 191 -7.16 -15.23 -3.17
CA ARG A 191 -7.78 -15.68 -1.91
C ARG A 191 -8.14 -14.50 -1.00
N VAL A 192 -9.18 -14.72 -0.19
CA VAL A 192 -9.53 -13.76 0.87
C VAL A 192 -8.42 -13.71 1.90
N LEU A 193 -8.09 -12.51 2.35
CA LEU A 193 -7.09 -12.24 3.37
C LEU A 193 -7.69 -11.82 4.70
N GLY A 194 -8.91 -11.29 4.72
CA GLY A 194 -9.50 -10.85 5.98
C GLY A 194 -10.95 -10.47 5.79
N LYS A 195 -11.64 -10.31 6.91
CA LYS A 195 -13.06 -10.04 6.95
C LYS A 195 -13.33 -8.90 7.93
N GLY A 196 -14.23 -7.99 7.57
CA GLY A 196 -14.65 -6.97 8.50
C GLY A 196 -15.31 -5.81 7.80
N GLY A 197 -15.77 -4.85 8.60
CA GLY A 197 -16.31 -3.63 8.03
C GLY A 197 -17.59 -3.91 7.29
N PHE A 198 -17.63 -3.60 5.99
CA PHE A 198 -18.79 -3.88 5.15
C PHE A 198 -18.57 -5.09 4.24
N GLY A 199 -17.47 -5.80 4.39
CA GLY A 199 -17.25 -6.90 3.49
C GLY A 199 -16.01 -7.70 3.80
N GLU A 200 -15.12 -7.84 2.81
CA GLU A 200 -13.90 -8.59 3.06
C GLU A 200 -12.78 -8.05 2.17
N VAL A 201 -11.55 -8.47 2.48
CA VAL A 201 -10.35 -8.03 1.76
C VAL A 201 -9.73 -9.25 1.11
N CYS A 202 -9.35 -9.14 -0.16
N CYS A 202 -9.40 -9.14 -0.17
CA CYS A 202 -8.74 -10.26 -0.84
CA CYS A 202 -8.77 -10.22 -0.93
C CYS A 202 -7.58 -9.79 -1.69
C CYS A 202 -7.45 -9.73 -1.51
N ALA A 203 -6.63 -10.68 -1.94
CA ALA A 203 -5.54 -10.35 -2.86
C ALA A 203 -6.15 -10.26 -4.24
N CYS A 204 -5.67 -9.33 -5.07
CA CYS A 204 -6.15 -9.26 -6.45
C CYS A 204 -5.00 -8.76 -7.32
N GLN A 205 -5.24 -8.69 -8.64
CA GLN A 205 -4.18 -8.45 -9.61
C GLN A 205 -4.76 -7.71 -10.80
N VAL A 206 -4.07 -6.65 -11.24
CA VAL A 206 -4.47 -6.01 -12.48
C VAL A 206 -4.08 -6.94 -13.63
N ARG A 207 -5.07 -7.34 -14.44
CA ARG A 207 -4.82 -8.39 -15.43
C ARG A 207 -3.81 -7.93 -16.48
N ALA A 208 -3.89 -6.66 -16.89
CA ALA A 208 -3.02 -6.19 -17.96
C ALA A 208 -1.58 -6.04 -17.51
N THR A 209 -1.35 -5.62 -16.26
CA THR A 209 -0.01 -5.29 -15.82
C THR A 209 0.63 -6.33 -14.93
N GLY A 210 -0.15 -7.23 -14.31
CA GLY A 210 0.38 -8.16 -13.35
C GLY A 210 0.62 -7.60 -11.96
N LYS A 211 0.30 -6.33 -11.72
CA LYS A 211 0.60 -5.76 -10.41
C LYS A 211 -0.43 -6.24 -9.39
N MET A 212 0.06 -6.69 -8.24
CA MET A 212 -0.78 -7.21 -7.15
C MET A 212 -1.22 -6.07 -6.26
N TYR A 213 -2.44 -6.20 -5.73
CA TYR A 213 -3.02 -5.23 -4.83
C TYR A 213 -3.90 -5.99 -3.84
N ALA A 214 -4.41 -5.26 -2.85
CA ALA A 214 -5.49 -5.75 -2.00
C ALA A 214 -6.78 -5.08 -2.43
N CYS A 215 -7.85 -5.85 -2.50
CA CYS A 215 -9.17 -5.34 -2.84
C CYS A 215 -10.05 -5.44 -1.61
N LYS A 216 -10.42 -4.29 -1.06
CA LYS A 216 -11.40 -4.20 0.01
C LYS A 216 -12.78 -4.06 -0.64
N ARG A 217 -13.64 -5.04 -0.40
CA ARG A 217 -14.93 -5.13 -1.05
C ARG A 217 -15.98 -4.78 0.00
N LEU A 218 -16.72 -3.67 -0.26
CA LEU A 218 -17.78 -3.15 0.60
C LEU A 218 -19.11 -3.53 -0.05
N GLU A 219 -19.82 -4.48 0.54
CA GLU A 219 -21.01 -5.02 -0.10
C GLU A 219 -22.12 -3.97 -0.10
N LYS A 220 -22.71 -3.72 -1.28
CA LYS A 220 -23.74 -2.69 -1.39
C LYS A 220 -24.92 -2.97 -0.47
N LYS A 221 -25.42 -4.21 -0.44
CA LYS A 221 -26.58 -4.49 0.39
C LYS A 221 -26.26 -4.30 1.86
N ARG A 222 -25.04 -4.66 2.25
CA ARG A 222 -24.63 -4.51 3.64
C ARG A 222 -24.54 -3.04 4.02
N ILE A 223 -23.92 -2.22 3.17
CA ILE A 223 -23.88 -0.78 3.39
C ILE A 223 -25.30 -0.24 3.57
N LYS A 224 -26.20 -0.65 2.68
CA LYS A 224 -27.55 -0.09 2.71
C LYS A 224 -28.31 -0.52 3.96
N LYS A 225 -28.15 -1.78 4.38
CA LYS A 225 -28.85 -2.22 5.59
C LYS A 225 -28.36 -1.47 6.82
N ARG A 226 -27.07 -1.16 6.87
CA ARG A 226 -26.45 -0.45 7.99
C ARG A 226 -26.47 1.06 7.85
N LYS A 227 -27.07 1.58 6.77
CA LYS A 227 -26.99 3.01 6.42
C LYS A 227 -25.57 3.54 6.52
N GLY A 228 -24.65 2.82 5.88
CA GLY A 228 -23.24 3.16 5.96
C GLY A 228 -22.72 3.93 4.75
N GLU A 229 -23.64 4.54 3.98
CA GLU A 229 -23.23 5.22 2.75
C GLU A 229 -22.21 6.32 3.04
N SER A 230 -22.50 7.17 4.04
CA SER A 230 -21.58 8.26 4.32
C SER A 230 -20.28 7.75 4.93
N MET A 231 -20.32 6.67 5.71
CA MET A 231 -19.09 6.08 6.25
C MET A 231 -18.22 5.51 5.13
N ALA A 232 -18.83 4.81 4.17
CA ALA A 232 -18.08 4.26 3.05
C ALA A 232 -17.42 5.38 2.24
N LEU A 233 -18.20 6.43 1.94
CA LEU A 233 -17.64 7.55 1.20
C LEU A 233 -16.50 8.22 1.97
N ASN A 234 -16.67 8.39 3.28
CA ASN A 234 -15.65 9.05 4.09
C ASN A 234 -14.36 8.23 4.10
N GLU A 235 -14.46 6.92 4.27
CA GLU A 235 -13.26 6.10 4.23
C GLU A 235 -12.53 6.27 2.90
N LYS A 236 -13.28 6.23 1.79
CA LYS A 236 -12.63 6.40 0.49
C LYS A 236 -11.93 7.77 0.41
N GLN A 237 -12.60 8.83 0.86
CA GLN A 237 -12.07 10.18 0.70
C GLN A 237 -10.84 10.42 1.58
N ILE A 238 -10.84 9.90 2.81
CA ILE A 238 -9.64 10.00 3.64
C ILE A 238 -8.48 9.22 3.02
N LEU A 239 -8.73 7.98 2.59
CA LEU A 239 -7.68 7.20 1.95
C LEU A 239 -7.07 7.95 0.78
N GLU A 240 -7.92 8.61 -0.01
CA GLU A 240 -7.42 9.32 -1.17
C GLU A 240 -6.61 10.54 -0.75
N LYS A 241 -7.08 11.28 0.26
CA LYS A 241 -6.39 12.52 0.62
C LYS A 241 -5.09 12.26 1.37
N VAL A 242 -5.06 11.29 2.28
CA VAL A 242 -3.84 11.02 3.02
C VAL A 242 -2.80 10.46 2.05
N ASN A 243 -1.59 11.00 2.11
CA ASN A 243 -0.50 10.43 1.31
C ASN A 243 0.69 10.32 2.25
N SER A 244 0.76 9.19 2.94
CA SER A 244 1.75 8.95 3.97
C SER A 244 2.43 7.62 3.67
N GLN A 245 3.76 7.61 3.88
CA GLN A 245 4.58 6.41 3.83
C GLN A 245 4.05 5.32 4.75
N PHE A 246 3.31 5.69 5.80
CA PHE A 246 2.94 4.74 6.84
C PHE A 246 1.43 4.45 6.90
N VAL A 247 0.70 4.76 5.83
CA VAL A 247 -0.72 4.41 5.72
C VAL A 247 -0.92 3.77 4.35
N VAL A 248 -1.69 2.68 4.30
N VAL A 248 -1.72 2.69 4.31
CA VAL A 248 -1.91 2.03 3.00
CA VAL A 248 -2.01 2.04 3.05
C VAL A 248 -2.63 3.01 2.09
C VAL A 248 -2.63 3.06 2.09
N ASN A 249 -2.22 3.02 0.82
CA ASN A 249 -2.67 4.03 -0.13
C ASN A 249 -3.65 3.43 -1.13
N LEU A 250 -4.47 4.32 -1.70
CA LEU A 250 -5.54 3.95 -2.60
C LEU A 250 -5.06 4.11 -4.04
N ALA A 251 -5.21 3.06 -4.83
CA ALA A 251 -4.88 3.12 -6.25
C ALA A 251 -6.10 3.08 -7.15
N TYR A 252 -7.19 2.44 -6.72
CA TYR A 252 -8.40 2.48 -7.55
C TYR A 252 -9.64 2.48 -6.65
N ALA A 253 -10.73 3.08 -7.14
CA ALA A 253 -12.04 2.93 -6.51
C ALA A 253 -13.07 2.70 -7.59
N TYR A 254 -13.80 1.58 -7.49
CA TYR A 254 -14.70 1.25 -8.59
C TYR A 254 -15.90 0.50 -8.05
N GLU A 255 -16.83 0.21 -8.96
CA GLU A 255 -18.13 -0.36 -8.61
C GLU A 255 -18.29 -1.71 -9.29
N THR A 256 -18.95 -2.64 -8.60
CA THR A 256 -19.51 -3.81 -9.24
C THR A 256 -21.02 -3.82 -9.00
N LYS A 257 -21.68 -4.80 -9.63
CA LYS A 257 -23.11 -5.00 -9.44
C LYS A 257 -23.45 -5.11 -7.97
N ASP A 258 -22.60 -5.78 -7.19
CA ASP A 258 -22.90 -6.06 -5.79
C ASP A 258 -22.00 -5.35 -4.79
N ALA A 259 -20.98 -4.62 -5.24
CA ALA A 259 -20.02 -4.08 -4.27
C ALA A 259 -19.43 -2.76 -4.76
N LEU A 260 -18.88 -2.02 -3.79
CA LEU A 260 -17.97 -0.93 -4.06
C LEU A 260 -16.58 -1.37 -3.57
N CYS A 261 -15.56 -1.15 -4.39
CA CYS A 261 -14.24 -1.73 -4.16
C CYS A 261 -13.17 -0.66 -4.01
N LEU A 262 -12.37 -0.76 -2.94
CA LEU A 262 -11.15 0.01 -2.74
C LEU A 262 -9.96 -0.87 -3.05
N VAL A 263 -9.10 -0.43 -3.97
CA VAL A 263 -7.92 -1.17 -4.40
C VAL A 263 -6.71 -0.45 -3.82
N LEU A 264 -5.97 -1.19 -2.98
CA LEU A 264 -5.05 -0.67 -1.97
C LEU A 264 -3.70 -1.36 -2.08
N THR A 265 -2.66 -0.69 -1.58
CA THR A 265 -1.33 -1.28 -1.49
C THR A 265 -1.39 -2.65 -0.85
N ILE A 266 -0.92 -3.69 -1.56
CA ILE A 266 -0.90 -5.01 -0.95
C ILE A 266 0.30 -5.08 -0.01
N MET A 267 0.10 -5.72 1.14
CA MET A 267 1.13 -5.76 2.18
C MET A 267 1.49 -7.23 2.38
N ASN A 268 2.58 -7.66 1.72
CA ASN A 268 2.89 -9.08 1.62
C ASN A 268 3.53 -9.65 2.88
N GLY A 269 3.89 -8.81 3.83
CA GLY A 269 4.37 -9.30 5.11
C GLY A 269 3.27 -9.62 6.09
N GLY A 270 2.01 -9.37 5.72
CA GLY A 270 0.88 -9.75 6.56
C GLY A 270 0.68 -8.76 7.70
N ASP A 271 -0.16 -9.15 8.64
CA ASP A 271 -0.57 -8.24 9.68
C ASP A 271 0.16 -8.56 10.97
N LEU A 272 0.22 -7.58 11.87
CA LEU A 272 1.02 -7.77 13.08
C LEU A 272 0.41 -8.78 14.04
N LYS A 273 -0.90 -8.99 13.97
CA LYS A 273 -1.49 -10.03 14.81
C LYS A 273 -0.93 -11.40 14.45
N PHE A 274 -0.78 -11.67 13.16
CA PHE A 274 -0.18 -12.93 12.73
C PHE A 274 1.25 -13.07 13.24
N HIS A 275 2.05 -11.98 13.18
CA HIS A 275 3.43 -12.08 13.64
C HIS A 275 3.53 -12.21 15.16
N ILE A 276 2.58 -11.63 15.90
CA ILE A 276 2.59 -11.79 17.35
C ILE A 276 2.23 -13.23 17.74
N TYR A 277 1.24 -13.85 17.06
CA TYR A 277 0.71 -15.11 17.60
C TYR A 277 0.94 -16.36 16.76
N ASN A 278 1.26 -16.24 15.47
CA ASN A 278 1.45 -17.40 14.59
C ASN A 278 2.89 -17.51 14.09
N MET A 279 3.85 -16.89 14.78
CA MET A 279 5.26 -17.01 14.44
C MET A 279 6.07 -17.44 15.68
N GLY A 280 5.75 -18.62 16.22
CA GLY A 280 6.47 -19.13 17.38
C GLY A 280 5.87 -18.66 18.69
N ASN A 281 6.73 -18.38 19.68
CA ASN A 281 6.25 -17.93 20.99
C ASN A 281 5.55 -16.59 20.84
N PRO A 282 4.50 -16.32 21.63
CA PRO A 282 3.77 -15.05 21.47
C PRO A 282 4.66 -13.84 21.73
N GLY A 283 4.44 -12.79 20.94
CA GLY A 283 5.22 -11.58 21.04
C GLY A 283 6.50 -11.68 20.24
N PHE A 284 7.29 -10.60 20.31
CA PHE A 284 8.64 -10.61 19.76
C PHE A 284 9.49 -9.59 20.51
N GLU A 285 10.75 -9.47 20.08
CA GLU A 285 11.75 -8.79 20.89
C GLU A 285 11.55 -7.27 20.87
N GLU A 286 12.12 -6.60 21.87
CA GLU A 286 11.88 -5.17 22.05
C GLU A 286 12.39 -4.36 20.86
N GLU A 287 13.47 -4.80 20.22
CA GLU A 287 13.99 -4.10 19.04
C GLU A 287 12.91 -3.96 17.95
N ARG A 288 12.24 -5.08 17.67
CA ARG A 288 11.17 -5.07 16.68
C ARG A 288 10.02 -4.17 17.11
N ALA A 289 9.54 -4.37 18.34
CA ALA A 289 8.41 -3.58 18.83
C ALA A 289 8.72 -2.10 18.77
N LEU A 290 9.94 -1.72 19.12
CA LEU A 290 10.30 -0.31 19.09
C LEU A 290 10.27 0.24 17.67
N PHE A 291 10.85 -0.50 16.71
CA PHE A 291 10.82 -0.04 15.33
C PHE A 291 9.38 0.14 14.84
N TYR A 292 8.54 -0.89 15.05
CA TYR A 292 7.15 -0.79 14.60
C TYR A 292 6.44 0.35 15.30
N ALA A 293 6.67 0.54 16.61
CA ALA A 293 6.06 1.62 17.34
C ALA A 293 6.42 2.97 16.74
N ALA A 294 7.69 3.17 16.38
CA ALA A 294 8.11 4.44 15.81
C ALA A 294 7.41 4.69 14.47
N GLU A 295 7.30 3.66 13.63
CA GLU A 295 6.63 3.87 12.34
C GLU A 295 5.13 4.10 12.50
N ILE A 296 4.47 3.36 13.40
CA ILE A 296 3.06 3.60 13.71
C ILE A 296 2.87 5.03 14.20
N LEU A 297 3.77 5.51 15.07
CA LEU A 297 3.65 6.86 15.60
C LEU A 297 3.74 7.91 14.49
N CYS A 298 4.64 7.68 13.53
CA CYS A 298 4.73 8.55 12.35
C CYS A 298 3.46 8.54 11.52
N GLY A 299 2.85 7.36 11.36
CA GLY A 299 1.59 7.27 10.64
C GLY A 299 0.46 7.99 11.37
N LEU A 300 0.38 7.81 12.69
CA LEU A 300 -0.57 8.58 13.49
C LEU A 300 -0.34 10.08 13.34
N GLU A 301 0.93 10.51 13.35
CA GLU A 301 1.22 11.94 13.21
C GLU A 301 0.74 12.47 11.86
N ASP A 302 0.92 11.67 10.81
CA ASP A 302 0.45 12.08 9.50
C ASP A 302 -1.07 12.22 9.45
N LEU A 303 -1.79 11.24 10.01
CA LEU A 303 -3.26 11.38 10.10
C LEU A 303 -3.65 12.62 10.94
N HIS A 304 -3.00 12.81 12.09
CA HIS A 304 -3.39 13.91 12.97
C HIS A 304 -3.10 15.26 12.34
N HIS A 305 -2.16 15.31 11.42
CA HIS A 305 -1.90 16.54 10.68
C HIS A 305 -3.10 16.91 9.82
N GLU A 306 -3.86 15.94 9.32
CA GLU A 306 -5.16 16.21 8.70
C GLU A 306 -6.29 16.28 9.71
N ASN A 307 -5.97 16.45 11.00
CA ASN A 307 -6.96 16.43 12.08
C ASN A 307 -7.90 15.23 11.96
N THR A 308 -7.32 14.08 11.65
CA THR A 308 -8.06 12.84 11.53
C THR A 308 -7.63 11.89 12.65
N VAL A 309 -8.58 11.46 13.46
CA VAL A 309 -8.33 10.47 14.49
C VAL A 309 -8.66 9.09 13.92
N TYR A 310 -7.78 8.13 14.19
CA TYR A 310 -7.85 6.81 13.55
C TYR A 310 -8.86 5.91 14.24
N ARG A 311 -8.76 5.77 15.57
CA ARG A 311 -9.70 5.14 16.48
C ARG A 311 -9.68 3.60 16.45
N ASP A 312 -8.98 2.94 15.51
CA ASP A 312 -9.11 1.49 15.38
C ASP A 312 -7.79 0.76 15.57
N LEU A 313 -6.88 1.29 16.38
CA LEU A 313 -5.59 0.65 16.54
C LEU A 313 -5.72 -0.70 17.23
N LYS A 314 -5.15 -1.71 16.60
CA LYS A 314 -5.08 -3.09 17.08
C LYS A 314 -4.16 -3.85 16.14
N PRO A 315 -3.54 -4.94 16.60
CA PRO A 315 -2.48 -5.55 15.79
C PRO A 315 -2.92 -5.96 14.39
N GLU A 316 -4.17 -6.39 14.20
N GLU A 316 -4.18 -6.39 14.24
CA GLU A 316 -4.62 -6.82 12.88
CA GLU A 316 -4.72 -6.78 12.93
C GLU A 316 -4.75 -5.66 11.89
C GLU A 316 -4.60 -5.66 11.90
N ASN A 317 -4.66 -4.40 12.34
CA ASN A 317 -4.71 -3.28 11.41
C ASN A 317 -3.34 -2.70 11.07
N ILE A 318 -2.26 -3.28 11.56
CA ILE A 318 -0.91 -2.85 11.22
C ILE A 318 -0.30 -3.90 10.31
N LEU A 319 0.11 -3.52 9.10
CA LEU A 319 0.56 -4.48 8.10
C LEU A 319 2.02 -4.24 7.75
N LEU A 320 2.66 -5.28 7.21
CA LEU A 320 4.07 -5.23 6.85
C LEU A 320 4.22 -5.37 5.34
N ASP A 321 5.14 -4.57 4.75
CA ASP A 321 5.34 -4.61 3.31
C ASP A 321 6.52 -5.55 2.99
N ASP A 322 6.94 -5.58 1.72
CA ASP A 322 8.00 -6.52 1.30
C ASP A 322 9.31 -6.27 2.04
N TYR A 323 9.53 -5.04 2.50
CA TYR A 323 10.78 -4.64 3.10
C TYR A 323 10.77 -4.76 4.61
N GLY A 324 9.63 -5.08 5.21
CA GLY A 324 9.54 -5.07 6.65
C GLY A 324 9.14 -3.75 7.26
N HIS A 325 8.75 -2.76 6.46
CA HIS A 325 8.16 -1.54 7.00
C HIS A 325 6.66 -1.73 7.20
N ILE A 326 6.07 -0.93 8.09
CA ILE A 326 4.65 -1.09 8.39
C ILE A 326 3.85 0.04 7.74
N ARG A 327 2.56 -0.22 7.62
CA ARG A 327 1.55 0.80 7.33
C ARG A 327 0.31 0.50 8.15
N ILE A 328 -0.34 1.58 8.59
CA ILE A 328 -1.68 1.50 9.17
C ILE A 328 -2.67 1.24 8.04
N SER A 329 -3.57 0.26 8.23
CA SER A 329 -4.44 -0.08 7.10
C SER A 329 -5.84 0.50 7.22
N ASP A 330 -6.74 -0.15 7.96
CA ASP A 330 -8.18 0.04 7.72
C ASP A 330 -8.65 1.37 8.30
N LEU A 331 -9.08 2.30 7.43
CA LEU A 331 -9.52 3.63 7.82
C LEU A 331 -11.03 3.73 7.99
N GLY A 332 -11.75 2.62 8.04
CA GLY A 332 -13.20 2.67 8.14
C GLY A 332 -13.75 3.39 9.36
N LEU A 333 -12.97 3.50 10.43
CA LEU A 333 -13.41 4.26 11.60
C LEU A 333 -12.72 5.62 11.74
N ALA A 334 -11.85 6.00 10.81
CA ALA A 334 -11.18 7.29 10.89
C ALA A 334 -12.16 8.45 10.72
N VAL A 335 -11.97 9.52 11.48
CA VAL A 335 -12.85 10.68 11.41
C VAL A 335 -12.01 11.95 11.46
N LYS A 336 -12.38 12.92 10.62
CA LYS A 336 -11.82 14.26 10.67
C LYS A 336 -12.47 15.03 11.82
N ILE A 337 -11.67 15.54 12.74
CA ILE A 337 -12.17 16.34 13.85
C ILE A 337 -12.16 17.81 13.45
N PRO A 338 -13.28 18.54 13.59
CA PRO A 338 -13.25 19.98 13.33
C PRO A 338 -12.19 20.66 14.18
N GLU A 339 -11.46 21.57 13.58
CA GLU A 339 -10.42 22.33 14.28
C GLU A 339 -10.93 22.87 15.60
N GLY A 340 -10.24 22.51 16.67
CA GLY A 340 -10.54 23.06 17.98
C GLY A 340 -11.63 22.38 18.76
N ASP A 341 -12.17 21.27 18.27
CA ASP A 341 -13.37 20.70 18.86
C ASP A 341 -13.13 19.25 19.30
N LEU A 342 -14.13 18.70 19.99
CA LEU A 342 -14.14 17.29 20.35
C LEU A 342 -15.29 16.59 19.62
N ILE A 343 -15.13 15.31 19.35
CA ILE A 343 -16.19 14.51 18.73
C ILE A 343 -16.69 13.51 19.76
N ARG A 344 -17.81 12.85 19.43
CA ARG A 344 -18.37 11.75 20.21
C ARG A 344 -18.59 10.56 19.30
N GLY A 345 -18.37 9.36 19.84
CA GLY A 345 -18.55 8.14 19.05
C GLY A 345 -17.96 6.90 19.72
N ARG A 346 -18.82 6.06 20.27
CA ARG A 346 -18.36 4.83 20.93
C ARG A 346 -18.10 3.81 19.84
N VAL A 347 -16.85 3.76 19.36
CA VAL A 347 -16.50 2.86 18.28
C VAL A 347 -15.21 2.14 18.64
N GLY A 348 -15.01 0.99 17.99
CA GLY A 348 -13.77 0.24 18.10
C GLY A 348 -14.02 -1.21 18.48
N THR A 349 -12.95 -1.85 18.91
CA THR A 349 -12.93 -3.27 19.23
C THR A 349 -12.73 -3.48 20.71
N VAL A 350 -13.44 -4.47 21.27
CA VAL A 350 -13.35 -4.76 22.69
C VAL A 350 -11.89 -4.96 23.09
N GLY A 351 -11.53 -4.39 24.23
CA GLY A 351 -10.18 -4.47 24.72
C GLY A 351 -9.23 -3.47 24.12
N TYR A 352 -9.65 -2.74 23.09
CA TYR A 352 -8.78 -1.75 22.46
C TYR A 352 -9.35 -0.34 22.52
N MET A 353 -10.50 -0.13 23.15
CA MET A 353 -11.11 1.19 23.20
C MET A 353 -10.66 1.94 24.45
N ALA A 354 -10.23 3.19 24.27
CA ALA A 354 -9.74 3.97 25.38
C ALA A 354 -10.88 4.22 26.37
N PRO A 355 -10.54 4.49 27.64
CA PRO A 355 -11.61 4.72 28.64
C PRO A 355 -12.60 5.82 28.24
N GLU A 356 -12.12 6.93 27.66
CA GLU A 356 -13.04 7.99 27.26
C GLU A 356 -13.94 7.56 26.10
N VAL A 357 -13.56 6.53 25.35
CA VAL A 357 -14.42 6.00 24.30
C VAL A 357 -15.46 5.05 24.89
N LEU A 358 -15.01 4.16 25.78
CA LEU A 358 -15.94 3.24 26.43
C LEU A 358 -17.04 3.99 27.18
N ASN A 359 -16.68 5.07 27.88
CA ASN A 359 -17.64 5.90 28.62
C ASN A 359 -18.47 6.81 27.73
N ASN A 360 -18.29 6.74 26.41
CA ASN A 360 -18.99 7.60 25.46
C ASN A 360 -18.81 9.08 25.79
N GLN A 361 -17.61 9.44 26.23
CA GLN A 361 -17.32 10.86 26.44
C GLN A 361 -16.94 11.51 25.11
N ARG A 362 -16.84 12.84 25.12
CA ARG A 362 -16.28 13.55 23.98
C ARG A 362 -14.77 13.51 24.05
N TYR A 363 -14.13 13.40 22.89
CA TYR A 363 -12.70 13.15 22.85
C TYR A 363 -12.12 13.71 21.55
N GLY A 364 -10.80 13.79 21.51
CA GLY A 364 -10.10 14.23 20.31
C GLY A 364 -9.16 13.17 19.79
N LEU A 365 -7.85 13.48 19.70
CA LEU A 365 -6.88 12.52 19.19
C LEU A 365 -6.40 11.50 20.23
N SER A 366 -6.68 11.72 21.52
CA SER A 366 -6.17 10.87 22.62
C SER A 366 -6.39 9.36 22.48
N PRO A 367 -7.50 8.88 21.91
CA PRO A 367 -7.64 7.41 21.80
C PRO A 367 -6.53 6.77 20.98
N ASP A 368 -5.92 7.50 20.03
CA ASP A 368 -4.86 6.88 19.22
C ASP A 368 -3.60 6.65 20.05
N TYR A 369 -3.34 7.50 21.05
CA TYR A 369 -2.21 7.29 21.93
C TYR A 369 -2.47 6.17 22.93
N TRP A 370 -3.72 6.07 23.42
CA TRP A 370 -4.12 4.85 24.13
C TRP A 370 -3.84 3.60 23.27
N GLY A 371 -4.22 3.64 21.99
CA GLY A 371 -4.03 2.49 21.14
C GLY A 371 -2.56 2.15 20.90
N LEU A 372 -1.72 3.17 20.71
CA LEU A 372 -0.29 2.93 20.62
C LEU A 372 0.23 2.22 21.87
N GLY A 373 -0.23 2.66 23.05
CA GLY A 373 0.12 1.94 24.27
C GLY A 373 -0.28 0.47 24.21
N CYS A 374 -1.51 0.21 23.76
CA CYS A 374 -1.97 -1.17 23.62
C CYS A 374 -1.07 -1.97 22.68
N LEU A 375 -0.68 -1.38 21.55
CA LEU A 375 0.11 -2.10 20.56
C LEU A 375 1.51 -2.44 21.09
N ILE A 376 2.16 -1.47 21.75
CA ILE A 376 3.49 -1.75 22.31
C ILE A 376 3.39 -2.85 23.36
N TYR A 377 2.43 -2.69 24.30
CA TYR A 377 2.23 -3.72 25.32
C TYR A 377 2.11 -5.10 24.68
N GLU A 378 1.25 -5.22 23.66
CA GLU A 378 0.92 -6.54 23.11
C GLU A 378 2.07 -7.11 22.29
N MET A 379 2.79 -6.25 21.57
CA MET A 379 3.96 -6.74 20.84
C MET A 379 4.99 -7.32 21.80
N ILE A 380 5.22 -6.66 22.92
CA ILE A 380 6.24 -7.14 23.83
C ILE A 380 5.76 -8.34 24.64
N GLU A 381 4.54 -8.27 25.18
CA GLU A 381 4.05 -9.30 26.09
C GLU A 381 3.47 -10.50 25.36
N GLY A 382 3.02 -10.33 24.11
CA GLY A 382 2.29 -11.40 23.46
C GLY A 382 0.90 -11.56 24.01
N GLN A 383 0.29 -10.48 24.48
CA GLN A 383 -1.02 -10.52 25.10
C GLN A 383 -1.58 -9.11 25.18
N SER A 384 -2.89 -8.98 25.00
CA SER A 384 -3.65 -7.78 25.32
C SER A 384 -3.35 -7.31 26.74
N PRO A 385 -3.36 -6.01 27.02
CA PRO A 385 -3.15 -5.57 28.41
C PRO A 385 -4.30 -5.98 29.32
N PHE A 386 -5.49 -6.22 28.77
CA PHE A 386 -6.69 -6.38 29.59
C PHE A 386 -7.46 -7.65 29.25
N ARG A 387 -6.86 -8.57 28.52
CA ARG A 387 -7.54 -9.80 28.13
C ARG A 387 -6.50 -10.89 27.94
N GLY A 388 -6.71 -12.04 28.57
CA GLY A 388 -5.88 -13.20 28.28
C GLY A 388 -6.02 -13.63 26.82
N ARG A 389 -4.97 -14.31 26.34
CA ARG A 389 -4.79 -14.59 24.91
C ARG A 389 -6.09 -14.97 24.20
N LYS A 390 -6.62 -16.17 24.45
CA LYS A 390 -7.97 -16.46 23.98
C LYS A 390 -8.87 -16.68 25.18
N GLU A 391 -8.90 -15.70 26.08
CA GLU A 391 -9.66 -15.79 27.30
C GLU A 391 -11.16 -15.73 27.00
N LYS A 392 -11.90 -16.74 27.45
CA LYS A 392 -13.36 -16.64 27.40
C LYS A 392 -13.82 -15.71 28.50
N VAL A 393 -13.99 -14.43 28.15
CA VAL A 393 -14.27 -13.38 29.12
C VAL A 393 -15.33 -12.48 28.52
N LYS A 394 -16.24 -12.01 29.37
CA LYS A 394 -17.32 -11.14 28.92
C LYS A 394 -16.76 -9.79 28.54
N ARG A 395 -17.29 -9.21 27.46
CA ARG A 395 -16.90 -7.85 27.10
C ARG A 395 -17.13 -6.89 28.26
N GLU A 396 -18.17 -7.13 29.05
CA GLU A 396 -18.39 -6.33 30.26
C GLU A 396 -17.18 -6.39 31.18
N GLU A 397 -16.60 -7.57 31.33
CA GLU A 397 -15.43 -7.71 32.19
C GLU A 397 -14.20 -7.02 31.58
N VAL A 398 -14.00 -7.14 30.27
CA VAL A 398 -12.88 -6.46 29.62
C VAL A 398 -13.00 -4.94 29.81
N ASP A 399 -14.20 -4.41 29.56
CA ASP A 399 -14.46 -2.99 29.78
C ASP A 399 -14.13 -2.60 31.23
N ARG A 400 -14.61 -3.42 32.18
CA ARG A 400 -14.34 -3.14 33.58
C ARG A 400 -12.84 -3.08 33.86
N ARG A 401 -12.08 -4.02 33.31
CA ARG A 401 -10.65 -4.05 33.57
C ARG A 401 -9.95 -2.84 32.96
N VAL A 402 -10.39 -2.40 31.77
CA VAL A 402 -9.80 -1.23 31.14
C VAL A 402 -10.10 0.02 31.97
N LEU A 403 -11.31 0.13 32.51
CA LEU A 403 -11.66 1.31 33.27
C LEU A 403 -11.10 1.29 34.68
N GLU A 404 -10.86 0.11 35.25
CA GLU A 404 -10.67 -0.04 36.68
C GLU A 404 -9.33 -0.65 37.10
N THR A 405 -8.73 -1.51 36.29
CA THR A 405 -7.57 -2.27 36.74
C THR A 405 -6.29 -1.78 36.09
N GLU A 406 -5.21 -1.90 36.86
CA GLU A 406 -3.86 -1.62 36.38
C GLU A 406 -3.38 -2.78 35.51
N GLU A 407 -2.80 -2.46 34.36
CA GLU A 407 -2.18 -3.51 33.56
C GLU A 407 -0.86 -3.95 34.19
N VAL A 408 -0.53 -5.22 34.04
CA VAL A 408 0.59 -5.85 34.74
C VAL A 408 1.73 -6.10 33.75
N TYR A 409 2.95 -5.85 34.19
CA TYR A 409 4.12 -5.95 33.34
C TYR A 409 5.04 -7.07 33.81
N SER A 410 5.53 -7.85 32.86
CA SER A 410 6.37 -9.00 33.12
C SER A 410 7.85 -8.60 33.09
N HIS A 411 8.73 -9.59 33.14
CA HIS A 411 10.16 -9.38 32.98
C HIS A 411 10.55 -9.03 31.53
N LYS A 412 9.66 -9.30 30.57
CA LYS A 412 9.96 -9.02 29.17
C LYS A 412 10.11 -7.53 28.89
N PHE A 413 9.64 -6.67 29.79
CA PHE A 413 9.65 -5.23 29.57
C PHE A 413 10.91 -4.62 30.18
N SER A 414 11.68 -3.91 29.36
CA SER A 414 12.67 -3.00 29.89
C SER A 414 11.98 -1.82 30.59
N GLU A 415 12.73 -1.14 31.47
CA GLU A 415 12.16 -0.04 32.24
C GLU A 415 11.59 1.04 31.33
N GLU A 416 12.28 1.35 30.23
CA GLU A 416 11.77 2.35 29.30
C GLU A 416 10.49 1.87 28.61
N ALA A 417 10.42 0.58 28.27
CA ALA A 417 9.21 0.09 27.61
C ALA A 417 8.01 0.11 28.55
N LYS A 418 8.22 -0.33 29.80
CA LYS A 418 7.18 -0.21 30.82
C LYS A 418 6.77 1.24 31.04
N SER A 419 7.74 2.16 31.01
CA SER A 419 7.44 3.57 31.22
C SER A 419 6.55 4.10 30.10
N ILE A 420 6.93 3.88 28.85
CA ILE A 420 6.15 4.44 27.76
C ILE A 420 4.77 3.80 27.71
N CYS A 421 4.67 2.49 28.02
CA CYS A 421 3.35 1.85 28.04
C CYS A 421 2.46 2.47 29.13
N LYS A 422 2.99 2.61 30.36
CA LYS A 422 2.16 3.19 31.42
C LYS A 422 1.78 4.63 31.11
N MET A 423 2.67 5.38 30.47
CA MET A 423 2.34 6.77 30.16
C MET A 423 1.32 6.87 29.03
N LEU A 424 1.34 5.93 28.09
CA LEU A 424 0.35 5.94 27.02
C LEU A 424 -0.96 5.32 27.47
N LEU A 425 -0.91 4.36 28.40
CA LEU A 425 -2.11 3.77 28.97
C LEU A 425 -2.58 4.51 30.23
N THR A 426 -2.33 5.81 30.32
CA THR A 426 -2.92 6.61 31.39
C THR A 426 -4.41 6.72 31.14
N LYS A 427 -5.23 6.33 32.12
CA LYS A 427 -6.65 6.19 31.85
C LYS A 427 -7.31 7.53 31.60
N ASP A 428 -6.89 8.57 32.31
CA ASP A 428 -7.40 9.91 32.08
C ASP A 428 -6.63 10.53 30.93
N ALA A 429 -7.35 10.95 29.87
CA ALA A 429 -6.68 11.42 28.66
C ALA A 429 -5.90 12.71 28.89
N LYS A 430 -6.36 13.59 29.77
CA LYS A 430 -5.67 14.86 29.94
C LYS A 430 -4.24 14.69 30.44
N GLN A 431 -3.91 13.54 31.01
CA GLN A 431 -2.57 13.26 31.51
C GLN A 431 -1.80 12.28 30.63
N ARG A 432 -2.32 11.96 29.44
CA ARG A 432 -1.78 10.87 28.64
C ARG A 432 -0.62 11.35 27.76
N LEU A 433 0.41 10.51 27.64
CA LEU A 433 1.53 10.82 26.77
C LEU A 433 1.03 10.98 25.33
N GLY A 434 1.63 11.93 24.60
CA GLY A 434 1.18 12.27 23.27
C GLY A 434 0.08 13.29 23.22
N CYS A 435 -0.66 13.47 24.32
CA CYS A 435 -1.80 14.36 24.35
C CYS A 435 -1.47 15.72 24.95
N GLN A 436 -0.21 16.17 24.86
CA GLN A 436 0.22 17.49 25.34
C GLN A 436 0.54 18.39 24.13
N GLU A 437 1.10 19.57 24.44
CA GLU A 437 1.39 20.62 23.42
C GLU A 437 2.18 20.05 22.23
N GLU A 438 3.32 19.42 22.49
CA GLU A 438 4.19 18.92 21.44
C GLU A 438 3.53 17.82 20.63
N GLU A 439 2.42 17.29 21.12
CA GLU A 439 1.71 16.17 20.48
C GLU A 439 2.73 15.05 20.27
N ALA A 440 2.86 14.50 19.06
CA ALA A 440 3.70 13.32 18.85
C ALA A 440 5.16 13.58 19.25
N ALA A 441 5.59 14.84 19.21
CA ALA A 441 6.97 15.15 19.56
C ALA A 441 7.30 14.68 20.97
N GLU A 442 6.36 14.85 21.91
CA GLU A 442 6.60 14.36 23.28
C GLU A 442 6.91 12.87 23.28
N VAL A 443 6.20 12.09 22.46
CA VAL A 443 6.43 10.65 22.41
C VAL A 443 7.80 10.36 21.82
N LYS A 444 8.23 11.15 20.83
CA LYS A 444 9.45 10.82 20.11
C LYS A 444 10.69 10.93 20.99
N ARG A 445 10.66 11.80 22.00
CA ARG A 445 11.83 11.98 22.87
C ARG A 445 11.77 11.13 24.13
N HIS A 446 10.74 10.30 24.28
CA HIS A 446 10.67 9.39 25.41
C HIS A 446 11.87 8.45 25.38
N PRO A 447 12.45 8.11 26.54
CA PRO A 447 13.65 7.27 26.54
C PRO A 447 13.45 5.90 25.92
N PHE A 448 12.19 5.43 25.78
CA PHE A 448 11.97 4.19 25.05
C PHE A 448 12.52 4.29 23.63
N PHE A 449 12.35 5.45 22.99
CA PHE A 449 12.89 5.70 21.66
C PHE A 449 14.25 6.38 21.69
N ARG A 450 15.06 6.17 22.73
CA ARG A 450 16.26 6.99 22.89
C ARG A 450 17.24 6.79 21.72
N ASN A 451 17.40 5.56 21.24
CA ASN A 451 18.25 5.30 20.09
C ASN A 451 17.49 5.30 18.76
N MET A 452 16.38 6.04 18.66
CA MET A 452 15.62 6.15 17.43
C MET A 452 15.78 7.57 16.86
N ASN A 453 16.48 7.67 15.73
CA ASN A 453 16.56 8.90 14.94
C ASN A 453 15.31 8.99 14.07
N PHE A 454 14.34 9.83 14.48
CA PHE A 454 13.06 9.83 13.79
C PHE A 454 13.16 10.47 12.41
N LYS A 455 14.11 11.38 12.23
CA LYS A 455 14.31 12.00 10.93
C LYS A 455 14.78 10.98 9.91
N ARG A 456 15.72 10.11 10.29
CA ARG A 456 16.19 9.07 9.36
C ARG A 456 15.08 8.05 9.10
N LEU A 457 14.27 7.76 10.12
CA LEU A 457 13.17 6.83 9.94
C LEU A 457 12.17 7.38 8.94
N GLU A 458 11.76 8.64 9.12
CA GLU A 458 10.78 9.26 8.22
C GLU A 458 11.31 9.40 6.79
N ALA A 459 12.63 9.44 6.62
CA ALA A 459 13.24 9.42 5.30
C ALA A 459 13.58 8.01 4.83
N GLY A 460 13.15 6.99 5.57
CA GLY A 460 13.32 5.62 5.11
C GLY A 460 14.76 5.13 5.10
N MET A 461 15.59 5.62 6.01
CA MET A 461 17.01 5.30 6.01
C MET A 461 17.40 4.31 7.10
N LEU A 462 16.46 3.79 7.88
CA LEU A 462 16.75 2.76 8.87
C LEU A 462 16.16 1.44 8.40
N ASP A 463 16.97 0.37 8.46
CA ASP A 463 16.56 -0.95 7.99
C ASP A 463 15.64 -1.61 9.01
N PRO A 464 14.51 -2.18 8.60
CA PRO A 464 13.66 -2.90 9.52
C PRO A 464 14.40 -4.09 10.10
N PRO A 465 14.08 -4.50 11.33
CA PRO A 465 14.76 -5.65 11.92
C PRO A 465 14.31 -6.99 11.36
N PHE A 466 13.18 -7.05 10.66
CA PHE A 466 12.66 -8.30 10.11
C PHE A 466 12.26 -8.09 8.66
N VAL A 467 12.76 -8.92 7.76
CA VAL A 467 12.39 -8.85 6.34
C VAL A 467 11.61 -10.10 5.99
N PRO A 468 10.34 -10.00 5.59
CA PRO A 468 9.53 -11.19 5.35
C PRO A 468 10.05 -12.00 4.16
N ASP A 469 9.82 -13.31 4.24
CA ASP A 469 10.10 -14.23 3.14
C ASP A 469 9.13 -13.94 2.01
N PRO A 470 9.60 -13.50 0.84
CA PRO A 470 8.66 -13.18 -0.25
C PRO A 470 7.86 -14.38 -0.74
N ARG A 471 8.24 -15.60 -0.36
CA ARG A 471 7.50 -16.78 -0.79
C ARG A 471 6.61 -17.37 0.31
N ALA A 472 6.41 -16.65 1.41
CA ALA A 472 5.54 -17.13 2.49
C ALA A 472 4.28 -16.30 2.58
N VAL A 473 3.20 -16.94 3.05
CA VAL A 473 1.91 -16.27 3.25
C VAL A 473 1.75 -16.05 4.75
N TYR A 474 1.81 -14.78 5.16
CA TYR A 474 1.71 -14.43 6.59
C TYR A 474 0.25 -14.11 6.91
N CYS A 475 -0.58 -15.14 6.82
CA CYS A 475 -2.01 -14.94 7.00
C CYS A 475 -2.58 -16.28 7.44
N LYS A 476 -3.67 -16.22 8.18
CA LYS A 476 -4.44 -17.41 8.49
C LYS A 476 -4.84 -18.10 7.20
N ASP A 477 -5.01 -19.43 7.27
CA ASP A 477 -5.44 -20.20 6.12
C ASP A 477 -6.84 -19.75 5.71
N VAL A 478 -7.16 -19.93 4.42
CA VAL A 478 -8.34 -19.30 3.85
C VAL A 478 -9.62 -19.83 4.49
N LEU A 479 -9.64 -21.12 4.85
CA LEU A 479 -10.83 -21.69 5.47
C LEU A 479 -11.07 -21.14 6.88
N ASP A 480 -10.04 -20.55 7.50
CA ASP A 480 -10.14 -20.03 8.85
C ASP A 480 -10.52 -18.56 8.89
N ILE A 481 -10.62 -17.89 7.74
CA ILE A 481 -11.12 -16.51 7.70
C ILE A 481 -12.61 -16.51 8.02
N GLU A 482 -13.03 -15.59 8.88
CA GLU A 482 -14.44 -15.51 9.22
C GLU A 482 -15.25 -14.89 8.08
N GLN A 483 -16.57 -14.93 8.23
CA GLN A 483 -17.49 -14.65 7.15
C GLN A 483 -18.77 -14.06 7.71
N PHE A 484 -19.27 -13.01 7.07
CA PHE A 484 -20.59 -12.49 7.42
C PHE A 484 -21.68 -13.44 6.96
N SER A 485 -22.82 -13.37 7.63
CA SER A 485 -24.03 -13.97 7.09
C SER A 485 -24.62 -13.08 6.00
N THR A 486 -25.41 -13.69 5.13
CA THR A 486 -25.99 -12.94 4.03
C THR A 486 -26.95 -11.87 4.53
N VAL A 487 -26.97 -10.74 3.84
CA VAL A 487 -27.89 -9.66 4.14
C VAL A 487 -29.22 -9.97 3.48
N LYS A 488 -30.31 -9.58 4.14
CA LYS A 488 -31.56 -10.16 3.72
C LYS A 488 -32.67 -9.12 3.75
N GLY A 489 -33.62 -9.27 2.83
CA GLY A 489 -34.64 -8.26 2.64
C GLY A 489 -34.15 -6.87 2.31
N VAL A 490 -33.08 -6.76 1.54
CA VAL A 490 -32.46 -5.49 1.23
C VAL A 490 -32.48 -5.29 -0.27
N ASN A 491 -32.70 -4.07 -0.66
CA ASN A 491 -33.02 -3.73 -2.04
C ASN A 491 -32.34 -2.48 -2.51
N LEU A 492 -31.37 -2.68 -3.40
CA LEU A 492 -30.67 -1.55 -4.01
C LEU A 492 -31.61 -0.78 -4.95
N ASP A 493 -31.59 0.54 -4.88
CA ASP A 493 -32.47 1.39 -5.66
C ASP A 493 -31.70 2.30 -6.60
N HIS A 494 -32.46 2.99 -7.46
CA HIS A 494 -31.90 4.16 -8.13
C HIS A 494 -31.47 5.21 -7.13
N THR A 495 -32.06 5.20 -5.92
CA THR A 495 -31.75 6.19 -4.90
C THR A 495 -30.34 6.07 -4.37
N ASP A 496 -29.65 4.95 -4.59
CA ASP A 496 -28.25 4.82 -4.22
C ASP A 496 -27.30 5.19 -5.35
N ASP A 497 -27.81 5.35 -6.57
CA ASP A 497 -26.94 5.50 -7.73
C ASP A 497 -26.02 6.71 -7.58
N ASP A 498 -26.57 7.82 -7.09
CA ASP A 498 -25.74 8.99 -6.86
C ASP A 498 -24.55 8.65 -5.98
N PHE A 499 -24.82 8.02 -4.83
CA PHE A 499 -23.75 7.62 -3.92
C PHE A 499 -22.72 6.77 -4.66
N TYR A 500 -23.20 5.79 -5.44
CA TYR A 500 -22.25 4.90 -6.12
C TYR A 500 -21.36 5.70 -7.05
N SER A 501 -21.96 6.63 -7.80
CA SER A 501 -21.19 7.42 -8.75
C SER A 501 -20.17 8.28 -8.04
N LYS A 502 -20.51 8.81 -6.87
CA LYS A 502 -19.54 9.60 -6.13
C LYS A 502 -18.38 8.74 -5.67
N PHE A 503 -18.65 7.47 -5.32
CA PHE A 503 -17.59 6.60 -4.81
C PHE A 503 -16.69 6.11 -5.94
N SER A 504 -17.26 5.78 -7.10
CA SER A 504 -16.54 4.97 -8.09
C SER A 504 -15.81 5.87 -9.08
N THR A 505 -14.79 6.55 -8.57
CA THR A 505 -14.07 7.51 -9.38
C THR A 505 -12.98 6.88 -10.25
N GLY A 506 -12.72 5.58 -10.10
CA GLY A 506 -11.80 4.90 -10.99
C GLY A 506 -10.35 4.96 -10.55
N SER A 507 -9.44 5.12 -11.51
CA SER A 507 -8.02 5.06 -11.18
C SER A 507 -7.59 6.33 -10.47
N VAL A 508 -6.64 6.19 -9.55
CA VAL A 508 -6.00 7.36 -8.93
C VAL A 508 -4.74 7.64 -9.72
N SER A 509 -4.59 8.90 -10.13
CA SER A 509 -3.70 9.23 -11.25
C SER A 509 -2.25 8.83 -10.97
N ILE A 510 -1.69 9.29 -9.85
CA ILE A 510 -0.28 9.05 -9.59
C ILE A 510 -0.03 7.56 -9.32
N PRO A 511 -0.82 6.87 -8.50
CA PRO A 511 -0.62 5.41 -8.36
C PRO A 511 -0.77 4.65 -9.66
N TRP A 512 -1.68 5.05 -10.54
CA TRP A 512 -1.85 4.36 -11.81
C TRP A 512 -0.60 4.51 -12.69
N GLN A 513 -0.08 5.74 -12.80
CA GLN A 513 1.10 5.94 -13.63
C GLN A 513 2.31 5.22 -13.03
N ASN A 514 2.42 5.22 -11.70
CA ASN A 514 3.49 4.46 -11.04
C ASN A 514 3.35 2.97 -11.31
N GLU A 515 2.11 2.44 -11.33
CA GLU A 515 1.94 1.03 -11.66
C GLU A 515 2.45 0.73 -13.08
N MET A 516 2.13 1.62 -14.02
CA MET A 516 2.56 1.40 -15.40
C MET A 516 4.08 1.42 -15.49
N ILE A 517 4.73 2.29 -14.71
CA ILE A 517 6.19 2.35 -14.76
C ILE A 517 6.80 1.13 -14.09
N GLU A 518 6.34 0.80 -12.87
CA GLU A 518 6.89 -0.30 -12.09
C GLU A 518 6.82 -1.62 -12.84
N THR A 519 5.71 -1.86 -13.53
CA THR A 519 5.54 -3.15 -14.19
C THR A 519 6.22 -3.20 -15.53
N GLU A 520 6.85 -2.10 -15.94
CA GLU A 520 7.47 -1.94 -17.25
C GLU A 520 6.45 -2.02 -18.39
N CYS A 521 5.15 -1.87 -18.10
CA CYS A 521 4.21 -1.60 -19.18
C CYS A 521 4.53 -0.27 -19.87
N PHE A 522 4.95 0.73 -19.10
CA PHE A 522 5.33 1.99 -19.72
C PHE A 522 6.54 1.80 -20.64
N LYS A 523 7.60 1.17 -20.16
CA LYS A 523 8.79 1.00 -20.99
C LYS A 523 8.47 0.18 -22.23
N GLU A 524 7.68 -0.88 -22.08
CA GLU A 524 7.47 -1.76 -23.22
C GLU A 524 6.49 -1.20 -24.24
N LEU A 525 5.51 -0.42 -23.80
CA LEU A 525 4.52 0.19 -24.70
C LEU A 525 4.96 1.52 -25.27
N ASN A 526 5.83 2.25 -24.57
CA ASN A 526 6.20 3.62 -24.97
C ASN A 526 7.28 3.56 -26.06
N VAL A 527 6.88 3.11 -27.24
CA VAL A 527 7.80 2.94 -28.37
C VAL A 527 7.41 3.86 -29.52
N PHE A 528 8.35 4.07 -30.42
CA PHE A 528 8.17 4.91 -31.60
C PHE A 528 8.62 4.13 -32.81
N GLY A 529 8.59 4.78 -33.98
CA GLY A 529 8.96 4.12 -35.21
C GLY A 529 10.44 4.16 -35.45
N PRO A 530 10.84 3.68 -36.63
CA PRO A 530 12.26 3.64 -36.99
C PRO A 530 12.94 4.98 -36.76
N ASN A 531 14.09 4.94 -36.07
CA ASN A 531 14.91 6.12 -35.77
C ASN A 531 14.14 7.15 -34.96
N GLY A 532 13.13 6.73 -34.21
CA GLY A 532 12.38 7.67 -33.40
C GLY A 532 11.36 8.48 -34.18
N THR A 533 10.96 8.03 -35.37
CA THR A 533 9.93 8.68 -36.16
C THR A 533 8.57 8.42 -35.53
N LEU A 534 7.56 9.12 -36.03
CA LEU A 534 6.21 8.98 -35.47
C LEU A 534 5.66 7.58 -35.76
N PRO A 535 5.19 6.85 -34.76
CA PRO A 535 4.42 5.60 -35.04
C PRO A 535 3.04 5.95 -35.54
N PRO A 536 2.32 4.99 -36.15
CA PRO A 536 1.00 5.32 -36.74
C PRO A 536 0.01 5.91 -35.73
N ASP A 537 0.08 5.52 -34.45
CA ASP A 537 -0.89 6.03 -33.49
C ASP A 537 -0.65 7.50 -33.13
N LEU A 538 0.52 8.04 -33.47
CA LEU A 538 0.83 9.45 -33.25
C LEU A 538 0.83 10.25 -34.55
N ASN A 539 0.62 9.59 -35.68
CA ASN A 539 0.74 10.21 -37.00
C ASN A 539 -0.63 10.74 -37.42
N ARG A 540 -0.78 12.07 -37.37
CA ARG A 540 -2.08 12.71 -37.61
C ARG A 540 -2.67 12.39 -38.98
N ASN A 541 -1.84 12.02 -39.97
CA ASN A 541 -2.35 11.94 -41.33
C ASN A 541 -3.45 10.90 -41.46
N HIS A 542 -3.23 9.69 -40.95
CA HIS A 542 -4.32 8.74 -40.77
C HIS A 542 -3.84 7.58 -39.91
N PRO A 543 -4.77 6.79 -39.33
CA PRO A 543 -4.48 5.58 -38.53
C PRO A 543 -3.39 4.68 -39.10
N LEU B 4 -21.39 -21.72 -13.83
CA LEU B 4 -19.98 -21.38 -13.64
C LEU B 4 -19.30 -21.26 -15.01
N THR B 5 -18.60 -20.14 -15.20
CA THR B 5 -18.13 -19.72 -16.52
C THR B 5 -16.91 -20.52 -16.96
N GLU B 6 -16.69 -20.53 -18.28
CA GLU B 6 -15.45 -21.09 -18.82
C GLU B 6 -14.22 -20.36 -18.28
N GLU B 7 -14.36 -19.07 -18.00
CA GLU B 7 -13.31 -18.32 -17.32
C GLU B 7 -12.90 -19.01 -16.02
N GLN B 8 -13.87 -19.30 -15.15
CA GLN B 8 -13.57 -19.90 -13.86
C GLN B 8 -13.03 -21.31 -14.01
N ILE B 9 -13.58 -22.08 -14.95
CA ILE B 9 -13.06 -23.43 -15.22
C ILE B 9 -11.59 -23.36 -15.63
N ALA B 10 -11.26 -22.42 -16.52
CA ALA B 10 -9.88 -22.31 -17.00
C ALA B 10 -8.94 -21.92 -15.87
N GLU B 11 -9.40 -21.05 -14.98
CA GLU B 11 -8.55 -20.70 -13.85
C GLU B 11 -8.35 -21.88 -12.91
N PHE B 12 -9.44 -22.62 -12.63
CA PHE B 12 -9.33 -23.81 -11.80
C PHE B 12 -8.41 -24.84 -12.44
N LYS B 13 -8.46 -24.96 -13.77
CA LYS B 13 -7.58 -25.87 -14.47
C LYS B 13 -6.12 -25.47 -14.30
N GLU B 14 -5.83 -24.17 -14.35
CA GLU B 14 -4.46 -23.74 -14.12
C GLU B 14 -4.00 -24.07 -12.70
N ALA B 15 -4.89 -23.84 -11.72
CA ALA B 15 -4.54 -24.21 -10.34
C ALA B 15 -4.27 -25.71 -10.24
N PHE B 16 -5.07 -26.53 -10.92
CA PHE B 16 -4.87 -27.97 -10.89
C PHE B 16 -3.51 -28.33 -11.49
N SER B 17 -3.13 -27.65 -12.57
CA SER B 17 -1.85 -27.93 -13.21
C SER B 17 -0.68 -27.55 -12.32
N LEU B 18 -0.91 -26.67 -11.33
CA LEU B 18 0.13 -26.40 -10.33
C LEU B 18 0.46 -27.62 -9.47
N PHE B 19 -0.47 -28.57 -9.36
CA PHE B 19 -0.25 -29.82 -8.66
C PHE B 19 0.08 -30.96 -9.61
N ASP B 20 -0.68 -31.11 -10.69
CA ASP B 20 -0.48 -32.20 -11.65
C ASP B 20 0.68 -31.79 -12.56
N LYS B 21 1.89 -31.94 -12.00
CA LYS B 21 3.10 -31.41 -12.66
C LYS B 21 3.52 -32.24 -13.86
N ASP B 22 3.19 -33.53 -13.89
CA ASP B 22 3.50 -34.37 -15.05
C ASP B 22 2.35 -34.39 -16.06
N GLY B 23 1.23 -33.75 -15.73
CA GLY B 23 0.10 -33.68 -16.64
C GLY B 23 -0.56 -35.00 -16.95
N ASP B 24 -0.50 -35.97 -16.04
CA ASP B 24 -1.19 -37.22 -16.29
C ASP B 24 -2.66 -37.16 -15.90
N GLY B 25 -3.16 -35.99 -15.49
CA GLY B 25 -4.56 -35.82 -15.18
C GLY B 25 -4.97 -36.18 -13.77
N THR B 26 -4.02 -36.56 -12.92
CA THR B 26 -4.26 -36.91 -11.54
C THR B 26 -3.25 -36.17 -10.65
N ILE B 27 -3.64 -35.92 -9.42
CA ILE B 27 -2.73 -35.44 -8.38
C ILE B 27 -2.39 -36.62 -7.46
N THR B 28 -1.11 -36.99 -7.38
CA THR B 28 -0.67 -38.04 -6.47
C THR B 28 -0.26 -37.47 -5.10
N THR B 29 -0.09 -38.37 -4.13
CA THR B 29 0.48 -37.94 -2.86
C THR B 29 1.86 -37.35 -3.05
N LYS B 30 2.65 -37.91 -3.96
CA LYS B 30 3.97 -37.37 -4.27
C LYS B 30 3.88 -35.93 -4.79
N GLU B 31 2.94 -35.66 -5.70
CA GLU B 31 2.78 -34.30 -6.23
C GLU B 31 2.29 -33.34 -5.14
N LEU B 32 1.30 -33.79 -4.35
CA LEU B 32 0.80 -32.94 -3.27
C LEU B 32 1.92 -32.63 -2.29
N GLY B 33 2.71 -33.64 -1.94
CA GLY B 33 3.82 -33.44 -1.02
C GLY B 33 4.84 -32.46 -1.55
N THR B 34 5.10 -32.51 -2.87
CA THR B 34 6.03 -31.54 -3.45
C THR B 34 5.51 -30.11 -3.29
N VAL B 35 4.22 -29.90 -3.57
CA VAL B 35 3.65 -28.56 -3.40
C VAL B 35 3.75 -28.12 -1.93
N MET B 36 3.34 -29.01 -1.02
CA MET B 36 3.32 -28.65 0.39
C MET B 36 4.72 -28.40 0.93
N ARG B 37 5.71 -29.13 0.43
CA ARG B 37 7.07 -28.87 0.88
C ARG B 37 7.60 -27.57 0.31
N SER B 38 7.11 -27.16 -0.88
CA SER B 38 7.45 -25.83 -1.36
C SER B 38 6.78 -24.75 -0.51
N LEU B 39 5.74 -25.08 0.24
CA LEU B 39 5.21 -24.15 1.24
C LEU B 39 5.90 -24.27 2.60
N GLY B 40 6.95 -25.08 2.71
CA GLY B 40 7.63 -25.21 3.97
C GLY B 40 7.02 -26.20 4.94
N GLN B 41 6.00 -26.94 4.52
CA GLN B 41 5.40 -27.96 5.38
C GLN B 41 6.09 -29.30 5.13
N ASN B 42 6.02 -30.18 6.12
CA ASN B 42 6.61 -31.52 6.01
C ASN B 42 5.55 -32.58 6.32
N PRO B 43 4.57 -32.75 5.44
CA PRO B 43 3.54 -33.75 5.68
C PRO B 43 4.08 -35.18 5.59
N THR B 44 3.50 -36.06 6.40
CA THR B 44 3.79 -37.50 6.32
C THR B 44 3.06 -38.10 5.12
N GLU B 45 3.46 -39.30 4.73
CA GLU B 45 2.78 -39.96 3.63
C GLU B 45 1.32 -40.22 3.99
N ALA B 46 1.06 -40.56 5.25
CA ALA B 46 -0.32 -40.78 5.68
C ALA B 46 -1.11 -39.49 5.73
N GLU B 47 -0.47 -38.36 6.08
CA GLU B 47 -1.17 -37.09 6.06
C GLU B 47 -1.54 -36.70 4.64
N LEU B 48 -0.62 -36.94 3.70
CA LEU B 48 -0.90 -36.67 2.29
C LEU B 48 -2.05 -37.54 1.80
N GLN B 49 -2.06 -38.82 2.20
CA GLN B 49 -3.14 -39.70 1.80
C GLN B 49 -4.47 -39.26 2.39
N ASP B 50 -4.49 -38.82 3.65
CA ASP B 50 -5.72 -38.32 4.26
C ASP B 50 -6.26 -37.11 3.50
N MET B 51 -5.39 -36.13 3.21
CA MET B 51 -5.83 -34.96 2.47
CA MET B 51 -5.83 -34.96 2.47
C MET B 51 -6.37 -35.33 1.10
N ILE B 52 -5.69 -36.26 0.41
CA ILE B 52 -6.15 -36.69 -0.92
C ILE B 52 -7.49 -37.41 -0.79
N ASN B 53 -7.57 -38.35 0.14
CA ASN B 53 -8.78 -39.15 0.34
C ASN B 53 -9.99 -38.29 0.60
N GLU B 54 -9.80 -37.14 1.28
CA GLU B 54 -10.91 -36.24 1.52
C GLU B 54 -11.52 -35.74 0.21
N VAL B 55 -10.71 -35.58 -0.83
CA VAL B 55 -11.15 -35.02 -2.11
C VAL B 55 -11.44 -36.14 -3.10
N ASP B 56 -10.76 -37.27 -2.96
CA ASP B 56 -10.86 -38.37 -3.93
C ASP B 56 -12.21 -39.07 -3.75
N ALA B 57 -13.17 -38.72 -4.61
CA ALA B 57 -14.52 -39.26 -4.47
C ALA B 57 -14.60 -40.73 -4.91
N ASP B 58 -14.06 -41.08 -6.07
CA ASP B 58 -14.23 -42.45 -6.54
C ASP B 58 -13.26 -43.44 -5.89
N GLY B 59 -12.44 -42.98 -4.96
CA GLY B 59 -11.67 -43.86 -4.10
C GLY B 59 -10.42 -44.48 -4.68
N ASN B 60 -9.95 -44.03 -5.86
CA ASN B 60 -8.79 -44.66 -6.47
C ASN B 60 -7.47 -44.10 -5.95
N GLY B 61 -7.49 -43.22 -4.96
CA GLY B 61 -6.30 -42.77 -4.29
C GLY B 61 -5.61 -41.57 -4.91
N THR B 62 -6.19 -40.97 -5.94
CA THR B 62 -5.68 -39.73 -6.52
C THR B 62 -6.87 -38.82 -6.82
N ILE B 63 -6.56 -37.57 -7.15
CA ILE B 63 -7.55 -36.54 -7.44
C ILE B 63 -7.47 -36.24 -8.93
N ASP B 64 -8.59 -36.37 -9.64
CA ASP B 64 -8.60 -35.97 -11.04
C ASP B 64 -9.25 -34.58 -11.14
N PHE B 65 -9.34 -34.06 -12.37
CA PHE B 65 -9.80 -32.69 -12.47
C PHE B 65 -11.29 -32.54 -12.12
N PRO B 66 -12.18 -33.47 -12.49
CA PRO B 66 -13.57 -33.34 -11.99
C PRO B 66 -13.67 -33.28 -10.48
N GLU B 67 -12.90 -34.09 -9.75
CA GLU B 67 -12.96 -34.08 -8.29
C GLU B 67 -12.43 -32.75 -7.75
N PHE B 68 -11.31 -32.27 -8.30
CA PHE B 68 -10.77 -30.98 -7.93
C PHE B 68 -11.78 -29.88 -8.17
N LEU B 69 -12.47 -29.92 -9.32
CA LEU B 69 -13.45 -28.90 -9.65
C LEU B 69 -14.62 -28.93 -8.70
N THR B 70 -15.09 -30.13 -8.34
CA THR B 70 -16.18 -30.20 -7.37
C THR B 70 -15.74 -29.60 -6.05
N MET B 71 -14.49 -29.84 -5.65
CA MET B 71 -14.01 -29.21 -4.41
C MET B 71 -13.98 -27.69 -4.54
N MET B 72 -13.51 -27.17 -5.66
CA MET B 72 -13.32 -25.72 -5.79
C MET B 72 -14.62 -24.97 -5.97
N ALA B 73 -15.67 -25.63 -6.44
CA ALA B 73 -16.95 -24.96 -6.60
C ALA B 73 -17.95 -25.48 -5.58
#